data_6TQI
# 
_entry.id   6TQI 
# 
_audit_conform.dict_name       mmcif_pdbx.dic 
_audit_conform.dict_version    5.392 
_audit_conform.dict_location   http://mmcif.pdb.org/dictionaries/ascii/mmcif_pdbx.dic 
# 
loop_
_database_2.database_id 
_database_2.database_code 
_database_2.pdbx_database_accession 
_database_2.pdbx_DOI 
PDB   6TQI         pdb_00006tqi 10.2210/pdb6tqi/pdb 
WWPDB D_1292105134 ?            ?                   
# 
loop_
_pdbx_audit_revision_history.ordinal 
_pdbx_audit_revision_history.data_content_type 
_pdbx_audit_revision_history.major_revision 
_pdbx_audit_revision_history.minor_revision 
_pdbx_audit_revision_history.revision_date 
1 'Structure model' 1 0 2020-06-10 
2 'Structure model' 1 1 2020-10-07 
3 'Structure model' 1 2 2020-11-11 
4 'Structure model' 1 3 2024-05-15 
# 
_pdbx_audit_revision_details.ordinal             1 
_pdbx_audit_revision_details.revision_ordinal    1 
_pdbx_audit_revision_details.data_content_type   'Structure model' 
_pdbx_audit_revision_details.provider            repository 
_pdbx_audit_revision_details.type                'Initial release' 
_pdbx_audit_revision_details.description         ? 
_pdbx_audit_revision_details.details             ? 
# 
loop_
_pdbx_audit_revision_group.ordinal 
_pdbx_audit_revision_group.revision_ordinal 
_pdbx_audit_revision_group.data_content_type 
_pdbx_audit_revision_group.group 
1 2 'Structure model' 'Database references'  
2 3 'Structure model' 'Derived calculations' 
3 4 'Structure model' 'Data collection'      
4 4 'Structure model' 'Database references'  
# 
loop_
_pdbx_audit_revision_category.ordinal 
_pdbx_audit_revision_category.revision_ordinal 
_pdbx_audit_revision_category.data_content_type 
_pdbx_audit_revision_category.category 
1 2 'Structure model' citation                 
2 3 'Structure model' pdbx_struct_assembly     
3 3 'Structure model' pdbx_struct_assembly_gen 
4 3 'Structure model' pdbx_struct_oper_list    
5 4 'Structure model' chem_comp_atom           
6 4 'Structure model' chem_comp_bond           
7 4 'Structure model' database_2               
# 
loop_
_pdbx_audit_revision_item.ordinal 
_pdbx_audit_revision_item.revision_ordinal 
_pdbx_audit_revision_item.data_content_type 
_pdbx_audit_revision_item.item 
1 2 'Structure model' '_citation.journal_volume'                  
2 2 'Structure model' '_citation.page_first'                      
3 2 'Structure model' '_citation.page_last'                       
4 3 'Structure model' '_pdbx_struct_assembly.oligomeric_count'    
5 3 'Structure model' '_pdbx_struct_assembly.oligomeric_details'  
6 3 'Structure model' '_pdbx_struct_assembly_gen.oper_expression' 
7 4 'Structure model' '_database_2.pdbx_DOI'                      
8 4 'Structure model' '_database_2.pdbx_database_accession'       
# 
_pdbx_database_status.status_code                     REL 
_pdbx_database_status.status_code_sf                  REL 
_pdbx_database_status.status_code_mr                  ? 
_pdbx_database_status.entry_id                        6TQI 
_pdbx_database_status.recvd_initial_deposition_date   2019-12-16 
_pdbx_database_status.SG_entry                        N 
_pdbx_database_status.deposit_site                    PDBE 
_pdbx_database_status.process_site                    PDBE 
_pdbx_database_status.status_code_cs                  ? 
_pdbx_database_status.status_code_nmr_data            ? 
_pdbx_database_status.methods_development_category    ? 
_pdbx_database_status.pdb_format_compatible           Y 
# 
loop_
_audit_author.name 
_audit_author.pdbx_ordinal 
_audit_author.identifier_ORCID 
'Parkinson, G.N.'       1 0000-0002-1865-9685 
'Wagner, A.'            2 0000-0001-8995-7324 
'Viladoms-Claverol, J.' 3 ?                   
'Duman, R.'             4 0000-0002-3566-8698 
'El-Omari, K.'          5 0000-0003-3506-6045 
# 
_citation.abstract                  ? 
_citation.abstract_id_CAS           ? 
_citation.book_id_ISBN              ? 
_citation.book_publisher            ? 
_citation.book_publisher_city       ? 
_citation.book_title                ? 
_citation.coordinate_linkage        ? 
_citation.country                   UK 
_citation.database_id_Medline       ? 
_citation.details                   ? 
_citation.id                        primary 
_citation.journal_abbrev            'Nucleic Acids Res.' 
_citation.journal_id_ASTM           NARHAD 
_citation.journal_id_CSD            0389 
_citation.journal_id_ISSN           1362-4962 
_citation.journal_full              ? 
_citation.journal_issue             ? 
_citation.journal_volume            48 
_citation.language                  ? 
_citation.page_first                9886 
_citation.page_last                 9898 
_citation.title                     
'Native de novo structural determinations of non-canonical nucleic acid motifs by X-ray crystallography at long wavelengths.' 
_citation.year                      2020 
_citation.database_id_CSD           ? 
_citation.pdbx_database_id_DOI      10.1093/nar/gkaa439 
_citation.pdbx_database_id_PubMed   32453431 
_citation.unpublished_flag          ? 
# 
loop_
_citation_author.citation_id 
_citation_author.name 
_citation_author.ordinal 
_citation_author.identifier_ORCID 
primary 'Zhang, Y.'       1 ? 
primary 'El Omari, K.'    2 ? 
primary 'Duman, R.'       3 ? 
primary 'Liu, S.'         4 ? 
primary 'Haider, S.'      5 ? 
primary 'Wagner, A.'      6 ? 
primary 'Parkinson, G.N.' 7 ? 
primary 'Wei, D.'         8 ? 
# 
_entity.id                         1 
_entity.type                       polymer 
_entity.src_method                 syn 
_entity.pdbx_description           
;DNA (5'-*TP*AP*AP*CP*CP*CP*TP*AP*A-3')
;
_entity.formula_weight             2683.801 
_entity.pdbx_number_of_molecules   1 
_entity.pdbx_ec                    ? 
_entity.pdbx_mutation              ? 
_entity.pdbx_fragment              ? 
_entity.details                    ? 
# 
_entity_poly.entity_id                      1 
_entity_poly.type                           polydeoxyribonucleotide 
_entity_poly.nstd_linkage                   no 
_entity_poly.nstd_monomer                   no 
_entity_poly.pdbx_seq_one_letter_code       '(DT)(DA)(DA)(DC)(DC)(DC)(DT)(DA)(DA)' 
_entity_poly.pdbx_seq_one_letter_code_can   TAACCCTAA 
_entity_poly.pdbx_strand_id                 A 
_entity_poly.pdbx_target_identifier         ? 
# 
loop_
_entity_poly_seq.entity_id 
_entity_poly_seq.num 
_entity_poly_seq.mon_id 
_entity_poly_seq.hetero 
1 1 DT n 
1 2 DA n 
1 3 DA n 
1 4 DC n 
1 5 DC n 
1 6 DC n 
1 7 DT n 
1 8 DA n 
1 9 DA n 
# 
_pdbx_entity_src_syn.entity_id              1 
_pdbx_entity_src_syn.pdbx_src_id            1 
_pdbx_entity_src_syn.pdbx_alt_source_flag   sample 
_pdbx_entity_src_syn.pdbx_beg_seq_num       1 
_pdbx_entity_src_syn.pdbx_end_seq_num       9 
_pdbx_entity_src_syn.organism_scientific    'Homo sapiens' 
_pdbx_entity_src_syn.organism_common_name   Human 
_pdbx_entity_src_syn.ncbi_taxonomy_id       9606 
_pdbx_entity_src_syn.details                ? 
# 
loop_
_chem_comp.id 
_chem_comp.type 
_chem_comp.mon_nstd_flag 
_chem_comp.name 
_chem_comp.pdbx_synonyms 
_chem_comp.formula 
_chem_comp.formula_weight 
DA 'DNA linking' y "2'-DEOXYADENOSINE-5'-MONOPHOSPHATE" ? 'C10 H14 N5 O6 P' 331.222 
DC 'DNA linking' y "2'-DEOXYCYTIDINE-5'-MONOPHOSPHATE"  ? 'C9 H14 N3 O7 P'  307.197 
DT 'DNA linking' y "THYMIDINE-5'-MONOPHOSPHATE"         ? 'C10 H15 N2 O8 P' 322.208 
# 
loop_
_pdbx_poly_seq_scheme.asym_id 
_pdbx_poly_seq_scheme.entity_id 
_pdbx_poly_seq_scheme.seq_id 
_pdbx_poly_seq_scheme.mon_id 
_pdbx_poly_seq_scheme.ndb_seq_num 
_pdbx_poly_seq_scheme.pdb_seq_num 
_pdbx_poly_seq_scheme.auth_seq_num 
_pdbx_poly_seq_scheme.pdb_mon_id 
_pdbx_poly_seq_scheme.auth_mon_id 
_pdbx_poly_seq_scheme.pdb_strand_id 
_pdbx_poly_seq_scheme.pdb_ins_code 
_pdbx_poly_seq_scheme.hetero 
A 1 1 DT 1 1 1 DT DT A . n 
A 1 2 DA 2 2 2 DA DA A . n 
A 1 3 DA 3 3 3 DA DA A . n 
A 1 4 DC 4 4 4 DC DC A . n 
A 1 5 DC 5 5 5 DC DC A . n 
A 1 6 DC 6 6 6 DC DC A . n 
A 1 7 DT 7 7 7 DT DT A . n 
A 1 8 DA 8 8 8 DA DA A . n 
A 1 9 DA 9 9 9 DA DA A . n 
# 
loop_
_software.citation_id 
_software.classification 
_software.compiler_name 
_software.compiler_version 
_software.contact_author 
_software.contact_author_email 
_software.date 
_software.description 
_software.dependencies 
_software.hardware 
_software.language 
_software.location 
_software.mods 
_software.name 
_software.os 
_software.os_version 
_software.type 
_software.version 
_software.pdbx_ordinal 
? refinement        ? ? ?                     ?                                       ?              ? ? ? ?          ? ? REFMAC ? 
? ?       5.8.0257 1 
? 'data reduction'  ? ? 'Wolfgang Kabsch'     Wolfgang.Kabsch@mpimf-heidelberg.mpg.de ?              ? ? ? ?          
http://www.mpimf-heidelberg.mpg.de/~kabsch/xds/     ? XDS         ? ? package .        2 
? 'data scaling'    ? ? 'Phil Evans'          ?                                       13/12/18       ? ? ? ?          
http://www.mrc-lmb.cam.ac.uk/harry/pre/aimless.html ? Aimless     ? ? program 0.7.4    3 
? phasing           ? ? 'George M. Sheldrick' gsheldr@shelx.uni-ac.gwdg.de            ?              ? ? ? Fortran_77 
http://shelx.uni-ac.gwdg.de/SHELX/                  ? SHELXDE     ? ? package .        4 
? 'data extraction' ? ? PDB                   deposit@deposit.rcsb.org                'Apr. 1, 2019' ? ? ? C++        
http://sw-tools.pdb.org/apps/PDB_EXTRACT/           ? PDB_EXTRACT ? ? package 3.25     5 
# 
_cell.angle_alpha                  90.000 
_cell.angle_alpha_esd              ? 
_cell.angle_beta                   90.000 
_cell.angle_beta_esd               ? 
_cell.angle_gamma                  120.000 
_cell.angle_gamma_esd              ? 
_cell.entry_id                     6TQI 
_cell.details                      ? 
_cell.formula_units_Z              ? 
_cell.length_a                     31.900 
_cell.length_a_esd                 ? 
_cell.length_b                     31.900 
_cell.length_b_esd                 ? 
_cell.length_c                     81.880 
_cell.length_c_esd                 ? 
_cell.volume                       ? 
_cell.volume_esd                   ? 
_cell.Z_PDB                        12 
_cell.reciprocal_angle_alpha       ? 
_cell.reciprocal_angle_beta        ? 
_cell.reciprocal_angle_gamma       ? 
_cell.reciprocal_angle_alpha_esd   ? 
_cell.reciprocal_angle_beta_esd    ? 
_cell.reciprocal_angle_gamma_esd   ? 
_cell.reciprocal_length_a          ? 
_cell.reciprocal_length_b          ? 
_cell.reciprocal_length_c          ? 
_cell.reciprocal_length_a_esd      ? 
_cell.reciprocal_length_b_esd      ? 
_cell.reciprocal_length_c_esd      ? 
_cell.pdbx_unique_axis             ? 
# 
_symmetry.entry_id                         6TQI 
_symmetry.cell_setting                     ? 
_symmetry.Int_Tables_number                180 
_symmetry.space_group_name_Hall            ? 
_symmetry.space_group_name_H-M             'P 62 2 2' 
_symmetry.pdbx_full_space_group_name_H-M   ? 
# 
_exptl.absorpt_coefficient_mu     ? 
_exptl.absorpt_correction_T_max   ? 
_exptl.absorpt_correction_T_min   ? 
_exptl.absorpt_correction_type    ? 
_exptl.absorpt_process_details    ? 
_exptl.entry_id                   6TQI 
_exptl.crystals_number            1 
_exptl.details                    ? 
_exptl.method                     'X-RAY DIFFRACTION' 
_exptl.method_details             ? 
# 
_exptl_crystal.colour                      ? 
_exptl_crystal.density_diffrn              ? 
_exptl_crystal.density_Matthews            2.25 
_exptl_crystal.density_method              ? 
_exptl_crystal.density_percent_sol         45.5 
_exptl_crystal.description                 'hexagonal rods' 
_exptl_crystal.F_000                       ? 
_exptl_crystal.id                          1 
_exptl_crystal.preparation                 ? 
_exptl_crystal.size_max                    ? 
_exptl_crystal.size_mid                    ? 
_exptl_crystal.size_min                    ? 
_exptl_crystal.size_rad                    ? 
_exptl_crystal.colour_lustre               ? 
_exptl_crystal.colour_modifier             ? 
_exptl_crystal.colour_primary              ? 
_exptl_crystal.density_meas                ? 
_exptl_crystal.density_meas_esd            ? 
_exptl_crystal.density_meas_gt             ? 
_exptl_crystal.density_meas_lt             ? 
_exptl_crystal.density_meas_temp           ? 
_exptl_crystal.density_meas_temp_esd       ? 
_exptl_crystal.density_meas_temp_gt        ? 
_exptl_crystal.density_meas_temp_lt        ? 
_exptl_crystal.pdbx_crystal_image_url      ? 
_exptl_crystal.pdbx_crystal_image_format   ? 
_exptl_crystal.pdbx_mosaicity              ? 
_exptl_crystal.pdbx_mosaicity_esd          ? 
# 
_exptl_crystal_grow.apparatus       ? 
_exptl_crystal_grow.atmosphere      ? 
_exptl_crystal_grow.crystal_id      1 
_exptl_crystal_grow.details         ? 
_exptl_crystal_grow.method          'VAPOR DIFFUSION, HANGING DROP' 
_exptl_crystal_grow.method_ref      ? 
_exptl_crystal_grow.pH              5.5 
_exptl_crystal_grow.pressure        ? 
_exptl_crystal_grow.pressure_esd    ? 
_exptl_crystal_grow.seeding         ? 
_exptl_crystal_grow.seeding_ref     ? 
_exptl_crystal_grow.temp            285 
_exptl_crystal_grow.temp_details    ? 
_exptl_crystal_grow.temp_esd        ? 
_exptl_crystal_grow.time            ? 
_exptl_crystal_grow.pdbx_details    '15% PEG 400, 5 mM spermine, 50 mM 2-(N-morpholino)ethanesulfonic acid (MES)' 
_exptl_crystal_grow.pdbx_pH_range   4.5-5.5 
# 
loop_
_diffrn.ambient_environment 
_diffrn.ambient_temp 
_diffrn.ambient_temp_details 
_diffrn.ambient_temp_esd 
_diffrn.crystal_id 
_diffrn.crystal_support 
_diffrn.crystal_treatment 
_diffrn.details 
_diffrn.id 
_diffrn.ambient_pressure 
_diffrn.ambient_pressure_esd 
_diffrn.ambient_pressure_gt 
_diffrn.ambient_pressure_lt 
_diffrn.ambient_temp_gt 
_diffrn.ambient_temp_lt 
_diffrn.pdbx_serial_crystal_experiment 
? 100 ? ? 1 ? ? ? 1 ? ? ? ? ? ? N 
? 100 ? ? 1 ? ? ? 2 ? ? ? ? ? ? N 
? 100 ? ? 1 ? ? ? 3 ? ? ? ? ? ? N 
# 
loop_
_diffrn_detector.details 
_diffrn_detector.detector 
_diffrn_detector.diffrn_id 
_diffrn_detector.type 
_diffrn_detector.area_resol_mean 
_diffrn_detector.dtime 
_diffrn_detector.pdbx_frames_total 
_diffrn_detector.pdbx_collection_time_total 
_diffrn_detector.pdbx_collection_date 
_diffrn_detector.pdbx_frequency 
? PIXEL 1 'DECTRIS PILATUS 6M'  ? ? ? ? 2013-04-25 ? 
? PIXEL 2 'DECTRIS PILATUS 12M' ? ? ? ? 2016-02-18 ? 
? PIXEL 3 'DECTRIS PILATUS 2M'  ? ? ? ? 2016-02-07 ? 
# 
loop_
_diffrn_radiation.collimation 
_diffrn_radiation.diffrn_id 
_diffrn_radiation.filter_edge 
_diffrn_radiation.inhomogeneity 
_diffrn_radiation.monochromator 
_diffrn_radiation.polarisn_norm 
_diffrn_radiation.polarisn_ratio 
_diffrn_radiation.probe 
_diffrn_radiation.type 
_diffrn_radiation.xray_symbol 
_diffrn_radiation.wavelength_id 
_diffrn_radiation.pdbx_monochromatic_or_laue_m_l 
_diffrn_radiation.pdbx_wavelength_list 
_diffrn_radiation.pdbx_wavelength 
_diffrn_radiation.pdbx_diffrn_protocol 
_diffrn_radiation.pdbx_analyzer 
_diffrn_radiation.pdbx_scattering_type 
? 1 ? ? 'SI(III)' ? ? ? ? ? 1 M ? ? 'SINGLE WAVELENGTH' ? x-ray 
? 2 ? ? 'SI(III)' ? ? ? ? ? 2 M ? ? 'SINGLE WAVELENGTH' ? x-ray 
? 3 ? ? 'SI(III)' ? ? ? ? ? 3 M ? ? 'SINGLE WAVELENGTH' ? x-ray 
# 
loop_
_diffrn_radiation_wavelength.id 
_diffrn_radiation_wavelength.wavelength 
_diffrn_radiation_wavelength.wt 
1 1.00    1.0 
2 3.0996  1.0 
3 0.92007 1.0 
# 
loop_
_diffrn_source.current 
_diffrn_source.details 
_diffrn_source.diffrn_id 
_diffrn_source.power 
_diffrn_source.size 
_diffrn_source.source 
_diffrn_source.target 
_diffrn_source.type 
_diffrn_source.voltage 
_diffrn_source.take-off_angle 
_diffrn_source.pdbx_wavelength_list 
_diffrn_source.pdbx_wavelength 
_diffrn_source.pdbx_synchrotron_beamline 
_diffrn_source.pdbx_synchrotron_site 
? ? 1 ? ? SYNCHROTRON ? 'DIAMOND BEAMLINE I02' ? ? 1.00    ? I02 Diamond 
? ? 2 ? ? SYNCHROTRON ? 'DIAMOND BEAMLINE I23' ? ? 3.0996  ? I23 Diamond 
? ? 3 ? ? SYNCHROTRON ? 'DIAMOND BEAMLINE I02' ? ? 0.92007 ? I02 Diamond 
# 
_reflns.B_iso_Wilson_estimate            ? 
_reflns.entry_id                         6TQI 
_reflns.data_reduction_details           ? 
_reflns.data_reduction_method            ? 
_reflns.d_resolution_high                2.900 
_reflns.d_resolution_low                 27.630 
_reflns.details                          ? 
_reflns.limit_h_max                      ? 
_reflns.limit_h_min                      ? 
_reflns.limit_k_max                      ? 
_reflns.limit_k_min                      ? 
_reflns.limit_l_max                      ? 
_reflns.limit_l_min                      ? 
_reflns.number_all                       ? 
_reflns.number_obs                       704 
_reflns.observed_criterion               ? 
_reflns.observed_criterion_F_max         ? 
_reflns.observed_criterion_F_min         ? 
_reflns.observed_criterion_I_max         ? 
_reflns.observed_criterion_I_min         ? 
_reflns.observed_criterion_sigma_F       ? 
_reflns.observed_criterion_sigma_I       ? 
_reflns.percent_possible_obs             99.700 
_reflns.R_free_details                   ? 
_reflns.Rmerge_F_all                     ? 
_reflns.Rmerge_F_obs                     ? 
_reflns.Friedel_coverage                 ? 
_reflns.number_gt                        ? 
_reflns.threshold_expression             ? 
_reflns.pdbx_redundancy                  30.100 
_reflns.pdbx_Rmerge_I_obs                0.036 
_reflns.pdbx_Rmerge_I_all                ? 
_reflns.pdbx_Rsym_value                  ? 
_reflns.pdbx_netI_over_av_sigmaI         ? 
_reflns.pdbx_netI_over_sigmaI            79.600 
_reflns.pdbx_res_netI_over_av_sigmaI_2   ? 
_reflns.pdbx_res_netI_over_sigmaI_2      ? 
_reflns.pdbx_chi_squared                 ? 
_reflns.pdbx_scaling_rejects             ? 
_reflns.pdbx_d_res_high_opt              ? 
_reflns.pdbx_d_res_low_opt               ? 
_reflns.pdbx_d_res_opt_method            ? 
_reflns.phase_calculation_details        ? 
_reflns.pdbx_Rrim_I_all                  0.037 
_reflns.pdbx_Rpim_I_all                  0.007 
_reflns.pdbx_d_opt                       ? 
_reflns.pdbx_number_measured_all         21199 
_reflns.pdbx_diffrn_id                   1 
_reflns.pdbx_ordinal                     1 
_reflns.pdbx_CC_half                     0.999 
_reflns.pdbx_CC_star                     ? 
_reflns.pdbx_R_split                     ? 
# 
loop_
_reflns_shell.d_res_high 
_reflns_shell.d_res_low 
_reflns_shell.meanI_over_sigI_all 
_reflns_shell.meanI_over_sigI_obs 
_reflns_shell.number_measured_all 
_reflns_shell.number_measured_obs 
_reflns_shell.number_possible 
_reflns_shell.number_unique_all 
_reflns_shell.number_unique_obs 
_reflns_shell.percent_possible_all 
_reflns_shell.percent_possible_obs 
_reflns_shell.Rmerge_F_all 
_reflns_shell.Rmerge_F_obs 
_reflns_shell.Rmerge_I_all 
_reflns_shell.Rmerge_I_obs 
_reflns_shell.meanI_over_sigI_gt 
_reflns_shell.meanI_over_uI_all 
_reflns_shell.meanI_over_uI_gt 
_reflns_shell.number_measured_gt 
_reflns_shell.number_unique_gt 
_reflns_shell.percent_possible_gt 
_reflns_shell.Rmerge_F_gt 
_reflns_shell.Rmerge_I_gt 
_reflns_shell.pdbx_redundancy 
_reflns_shell.pdbx_Rsym_value 
_reflns_shell.pdbx_chi_squared 
_reflns_shell.pdbx_netI_over_sigmaI_all 
_reflns_shell.pdbx_netI_over_sigmaI_obs 
_reflns_shell.pdbx_Rrim_I_all 
_reflns_shell.pdbx_Rpim_I_all 
_reflns_shell.pdbx_rejects 
_reflns_shell.pdbx_ordinal 
_reflns_shell.pdbx_diffrn_id 
_reflns_shell.pdbx_CC_half 
_reflns_shell.pdbx_CC_star 
_reflns_shell.pdbx_R_split 
2.900 3.250  ? ? ? ? ? ? 183 99.000 ? ? ? ? 0.045 ? ? ? ? ? ? ? ? 33.700 ? ? ? ? 0.046 0.011 ? 1 1 1.000 ? ? 
6.490 27.630 ? ? ? ? ? ? 86  99.800 ? ? ? ? 0.036 ? ? ? ? ? ? ? ? 20.700 ? ? ? ? 0.037 0.011 ? 2 1 0.999 ? ? 
# 
_refine.aniso_B[1][1]                            -0.2700 
_refine.aniso_B[1][2]                            -0.1400 
_refine.aniso_B[1][3]                            -0.0000 
_refine.aniso_B[2][2]                            -0.2700 
_refine.aniso_B[2][3]                            0.0000 
_refine.aniso_B[3][3]                            0.8800 
_refine.B_iso_max                                121.800 
_refine.B_iso_mean                               49.3930 
_refine.B_iso_min                                27.780 
_refine.correlation_coeff_Fo_to_Fc               0.9130 
_refine.correlation_coeff_Fo_to_Fc_free          0.9090 
_refine.details                                  
'HYDROGENS HAVE BEEN ADDED IN THE RIDING POSITIONS U VALUES      : REFINED INDIVIDUALLY' 
_refine.diff_density_max                         ? 
_refine.diff_density_max_esd                     ? 
_refine.diff_density_min                         ? 
_refine.diff_density_min_esd                     ? 
_refine.diff_density_rms                         ? 
_refine.diff_density_rms_esd                     ? 
_refine.entry_id                                 6TQI 
_refine.pdbx_refine_id                           'X-RAY DIFFRACTION' 
_refine.ls_abs_structure_details                 ? 
_refine.ls_abs_structure_Flack                   ? 
_refine.ls_abs_structure_Flack_esd               ? 
_refine.ls_abs_structure_Rogers                  ? 
_refine.ls_abs_structure_Rogers_esd              ? 
_refine.ls_d_res_high                            2.9500 
_refine.ls_d_res_low                             25.0000 
_refine.ls_extinction_coef                       ? 
_refine.ls_extinction_coef_esd                   ? 
_refine.ls_extinction_expression                 ? 
_refine.ls_extinction_method                     ? 
_refine.ls_goodness_of_fit_all                   ? 
_refine.ls_goodness_of_fit_all_esd               ? 
_refine.ls_goodness_of_fit_obs                   ? 
_refine.ls_goodness_of_fit_obs_esd               ? 
_refine.ls_hydrogen_treatment                    ? 
_refine.ls_matrix_type                           ? 
_refine.ls_number_constraints                    ? 
_refine.ls_number_parameters                     ? 
_refine.ls_number_reflns_all                     ? 
_refine.ls_number_reflns_obs                     647 
_refine.ls_number_reflns_R_free                  30 
_refine.ls_number_reflns_R_work                  ? 
_refine.ls_number_restraints                     ? 
_refine.ls_percent_reflns_obs                    98.2600 
_refine.ls_percent_reflns_R_free                 4.4000 
_refine.ls_R_factor_all                          ? 
_refine.ls_R_factor_obs                          0.2384 
_refine.ls_R_factor_R_free                       0.2267 
_refine.ls_R_factor_R_free_error                 ? 
_refine.ls_R_factor_R_free_error_details         ? 
_refine.ls_R_factor_R_work                       0.2389 
_refine.ls_R_Fsqd_factor_obs                     ? 
_refine.ls_R_I_factor_obs                        ? 
_refine.ls_redundancy_reflns_all                 ? 
_refine.ls_redundancy_reflns_obs                 ? 
_refine.ls_restrained_S_all                      ? 
_refine.ls_restrained_S_obs                      ? 
_refine.ls_shift_over_esd_max                    ? 
_refine.ls_shift_over_esd_mean                   ? 
_refine.ls_structure_factor_coef                 ? 
_refine.ls_weighting_details                     ? 
_refine.ls_weighting_scheme                      ? 
_refine.ls_wR_factor_all                         ? 
_refine.ls_wR_factor_obs                         ? 
_refine.ls_wR_factor_R_free                      ? 
_refine.ls_wR_factor_R_work                      ? 
_refine.occupancy_max                            ? 
_refine.occupancy_min                            ? 
_refine.solvent_model_details                    ? 
_refine.solvent_model_param_bsol                 ? 
_refine.solvent_model_param_ksol                 ? 
_refine.pdbx_R_complete                          ? 
_refine.ls_R_factor_gt                           ? 
_refine.ls_goodness_of_fit_gt                    ? 
_refine.ls_goodness_of_fit_ref                   ? 
_refine.ls_shift_over_su_max                     ? 
_refine.ls_shift_over_su_max_lt                  ? 
_refine.ls_shift_over_su_mean                    ? 
_refine.ls_shift_over_su_mean_lt                 ? 
_refine.pdbx_ls_sigma_I                          ? 
_refine.pdbx_ls_sigma_F                          0.000 
_refine.pdbx_ls_sigma_Fsqd                       ? 
_refine.pdbx_data_cutoff_high_absF               ? 
_refine.pdbx_data_cutoff_high_rms_absF           ? 
_refine.pdbx_data_cutoff_low_absF                ? 
_refine.pdbx_isotropic_thermal_model             ? 
_refine.pdbx_ls_cross_valid_method               THROUGHOUT 
_refine.pdbx_method_to_determine_struct          SAD 
_refine.pdbx_starting_model                      ? 
_refine.pdbx_stereochemistry_target_values       ? 
_refine.pdbx_R_Free_selection_details            RANDOM 
_refine.pdbx_stereochem_target_val_spec_case     ? 
_refine.pdbx_overall_ESU_R                       ? 
_refine.pdbx_overall_ESU_R_Free                  0.3580 
_refine.pdbx_solvent_vdw_probe_radii             1.2000 
_refine.pdbx_solvent_ion_probe_radii             0.8000 
_refine.pdbx_solvent_shrinkage_radii             0.8000 
_refine.pdbx_real_space_R                        ? 
_refine.pdbx_density_correlation                 ? 
_refine.pdbx_pd_number_of_powder_patterns        ? 
_refine.pdbx_pd_number_of_points                 ? 
_refine.pdbx_pd_meas_number_of_points            ? 
_refine.pdbx_pd_proc_ls_prof_R_factor            ? 
_refine.pdbx_pd_proc_ls_prof_wR_factor           ? 
_refine.pdbx_pd_Marquardt_correlation_coeff      ? 
_refine.pdbx_pd_Fsqrd_R_factor                   ? 
_refine.pdbx_pd_ls_matrix_band_width             ? 
_refine.pdbx_overall_phase_error                 ? 
_refine.pdbx_overall_SU_R_free_Cruickshank_DPI   ? 
_refine.pdbx_overall_SU_R_free_Blow_DPI          ? 
_refine.pdbx_overall_SU_R_Blow_DPI               ? 
_refine.pdbx_TLS_residual_ADP_flag               ? 
_refine.pdbx_diffrn_id                           1 
_refine.overall_SU_B                             16.5990 
_refine.overall_SU_ML                            0.2890 
_refine.overall_SU_R_Cruickshank_DPI             ? 
_refine.overall_SU_R_free                        ? 
_refine.overall_FOM_free_R_set                   ? 
_refine.overall_FOM_work_R_set                   ? 
_refine.pdbx_average_fsc_overall                 ? 
_refine.pdbx_average_fsc_work                    ? 
_refine.pdbx_average_fsc_free                    ? 
# 
_refine_hist.pdbx_refine_id                   'X-RAY DIFFRACTION' 
_refine_hist.cycle_id                         final 
_refine_hist.details                          ? 
_refine_hist.d_res_high                       2.9500 
_refine_hist.d_res_low                        25.0000 
_refine_hist.number_atoms_solvent             0 
_refine_hist.number_atoms_total               178 
_refine_hist.number_reflns_all                ? 
_refine_hist.number_reflns_obs                ? 
_refine_hist.number_reflns_R_free             ? 
_refine_hist.number_reflns_R_work             ? 
_refine_hist.R_factor_all                     ? 
_refine_hist.R_factor_obs                     ? 
_refine_hist.R_factor_R_free                  ? 
_refine_hist.R_factor_R_work                  ? 
_refine_hist.pdbx_number_residues_total       9 
_refine_hist.pdbx_B_iso_mean_ligand           ? 
_refine_hist.pdbx_B_iso_mean_solvent          ? 
_refine_hist.pdbx_number_atoms_protein        0 
_refine_hist.pdbx_number_atoms_nucleic_acid   178 
_refine_hist.pdbx_number_atoms_ligand         0 
_refine_hist.pdbx_number_atoms_lipid          ? 
_refine_hist.pdbx_number_atoms_carb           ? 
_refine_hist.pdbx_pseudo_atom_details         ? 
# 
loop_
_refine_ls_restr.pdbx_refine_id 
_refine_ls_restr.criterion 
_refine_ls_restr.dev_ideal 
_refine_ls_restr.dev_ideal_target 
_refine_ls_restr.number 
_refine_ls_restr.rejects 
_refine_ls_restr.type 
_refine_ls_restr.weight 
_refine_ls_restr.pdbx_restraint_function 
'X-RAY DIFFRACTION' ? 0.011 0.011 199 ? r_bond_refined_d     ? ? 
'X-RAY DIFFRACTION' ? 0.000 0.020 102 ? r_bond_other_d       ? ? 
'X-RAY DIFFRACTION' ? 0.940 1.187 304 ? r_angle_refined_deg  ? ? 
'X-RAY DIFFRACTION' ? 1.633 3.000 241 ? r_angle_other_deg    ? ? 
'X-RAY DIFFRACTION' ? 0.066 0.200 27  ? r_chiral_restr       ? ? 
'X-RAY DIFFRACTION' ? 0.012 0.020 105 ? r_gen_planes_refined ? ? 
'X-RAY DIFFRACTION' ? 0.002 0.020 46  ? r_gen_planes_other   ? ? 
# 
_refine_ls_shell.pdbx_refine_id                   'X-RAY DIFFRACTION' 
_refine_ls_shell.d_res_high                       2.9500 
_refine_ls_shell.d_res_low                        3.0260 
_refine_ls_shell.number_reflns_all                42 
_refine_ls_shell.number_reflns_obs                ? 
_refine_ls_shell.number_reflns_R_free             1 
_refine_ls_shell.number_reflns_R_work             41 
_refine_ls_shell.percent_reflns_obs               97.6700 
_refine_ls_shell.percent_reflns_R_free            ? 
_refine_ls_shell.R_factor_all                     ? 
_refine_ls_shell.R_factor_obs                     ? 
_refine_ls_shell.R_factor_R_free                  0.3830 
_refine_ls_shell.R_factor_R_free_error            0.0000 
_refine_ls_shell.R_factor_R_work                  0.4380 
_refine_ls_shell.redundancy_reflns_all            ? 
_refine_ls_shell.redundancy_reflns_obs            ? 
_refine_ls_shell.wR_factor_all                    ? 
_refine_ls_shell.wR_factor_obs                    ? 
_refine_ls_shell.wR_factor_R_free                 ? 
_refine_ls_shell.wR_factor_R_work                 ? 
_refine_ls_shell.pdbx_R_complete                  ? 
_refine_ls_shell.pdbx_total_number_of_bins_used   20 
_refine_ls_shell.pdbx_phase_error                 ? 
_refine_ls_shell.pdbx_fsc_work                    ? 
_refine_ls_shell.pdbx_fsc_free                    ? 
# 
_struct.entry_id                     6TQI 
_struct.title                        'I-MOTIF STRUCTURE FORMED FROM THE C STRAND OF A HUMAN TELOMERE FRAGMENT' 
_struct.pdbx_model_details           ? 
_struct.pdbx_formula_weight          ? 
_struct.pdbx_formula_weight_method   ? 
_struct.pdbx_model_type_details      ? 
_struct.pdbx_CASP_flag               N 
# 
_struct_keywords.entry_id        6TQI 
_struct_keywords.text            'telomeric, i-motif, DNA' 
_struct_keywords.pdbx_keywords   DNA 
# 
_struct_asym.id                            A 
_struct_asym.pdbx_blank_PDB_chainid_flag   N 
_struct_asym.pdbx_modified                 N 
_struct_asym.entity_id                     1 
_struct_asym.details                       ? 
# 
_struct_ref.id                         1 
_struct_ref.db_name                    PDB 
_struct_ref.db_code                    6TQI 
_struct_ref.pdbx_db_accession          6TQI 
_struct_ref.pdbx_db_isoform            ? 
_struct_ref.entity_id                  1 
_struct_ref.pdbx_seq_one_letter_code   ? 
_struct_ref.pdbx_align_begin           1 
# 
_struct_ref_seq.align_id                      1 
_struct_ref_seq.ref_id                        1 
_struct_ref_seq.pdbx_PDB_id_code              6TQI 
_struct_ref_seq.pdbx_strand_id                A 
_struct_ref_seq.seq_align_beg                 1 
_struct_ref_seq.pdbx_seq_align_beg_ins_code   ? 
_struct_ref_seq.seq_align_end                 9 
_struct_ref_seq.pdbx_seq_align_end_ins_code   ? 
_struct_ref_seq.pdbx_db_accession             6TQI 
_struct_ref_seq.db_align_beg                  1 
_struct_ref_seq.pdbx_db_align_beg_ins_code    ? 
_struct_ref_seq.db_align_end                  9 
_struct_ref_seq.pdbx_db_align_end_ins_code    ? 
_struct_ref_seq.pdbx_auth_seq_align_beg       1 
_struct_ref_seq.pdbx_auth_seq_align_end       9 
# 
_pdbx_struct_assembly.id                   1 
_pdbx_struct_assembly.details              author_defined_assembly 
_pdbx_struct_assembly.method_details       ? 
_pdbx_struct_assembly.oligomeric_details   tetrameric 
_pdbx_struct_assembly.oligomeric_count     4 
# 
_pdbx_struct_assembly_gen.assembly_id       1 
_pdbx_struct_assembly_gen.oper_expression   1,2,3,4 
_pdbx_struct_assembly_gen.asym_id_list      A 
# 
_pdbx_struct_assembly_auth_evidence.id                     1 
_pdbx_struct_assembly_auth_evidence.assembly_id            1 
_pdbx_struct_assembly_auth_evidence.experimental_support   'native gel electrophoresis' 
_pdbx_struct_assembly_auth_evidence.details                ? 
# 
loop_
_pdbx_struct_oper_list.id 
_pdbx_struct_oper_list.type 
_pdbx_struct_oper_list.name 
_pdbx_struct_oper_list.symmetry_operation 
_pdbx_struct_oper_list.matrix[1][1] 
_pdbx_struct_oper_list.matrix[1][2] 
_pdbx_struct_oper_list.matrix[1][3] 
_pdbx_struct_oper_list.vector[1] 
_pdbx_struct_oper_list.matrix[2][1] 
_pdbx_struct_oper_list.matrix[2][2] 
_pdbx_struct_oper_list.matrix[2][3] 
_pdbx_struct_oper_list.vector[2] 
_pdbx_struct_oper_list.matrix[3][1] 
_pdbx_struct_oper_list.matrix[3][2] 
_pdbx_struct_oper_list.matrix[3][3] 
_pdbx_struct_oper_list.vector[3] 
1 'identity operation'         1_555  x,y,z          1.0000000000  0.0000000000  0.0000000000  0.0000000000  0.0000000000  1.0000000000  0.0000000000  0.0000000000  0.0000000000  0.0000000000  1.0000000000  0.0000000000 
2 'crystal symmetry operation' 4_565  -x,-y+1,z      -0.9727869361 0.1268306247  0.1939060846  -0.3311436110 0.1268306247  -0.4088865773 0.9037288086  -4.7894083402 0.1939060846  0.9037288086  0.3816735133  3.1791425486 
3 'crystal symmetry operation' 12_565 x,x-y+1,-z+1/3 -0.2736534231 -0.8484584352 0.4530254825  -2.5729113931 -0.8484584352 -0.0089005178 -0.5291871735 0.1018370703  0.4530254825  -0.5291871735 -0.7174460591 4.3159380204 
4 'crystal symmetry operation' 9_555  -x,-x+y,-z+1/3 0.2464403592  0.7216278105  -0.6469315671 3.0215536822  0.7216278105  -0.5822129050 -0.3745416352 -1.2569345853 -0.6469315671 -0.3745416352 -0.6642274543 4.4195516960 
# 
_phasing.method   SAD 
# 
loop_
_chem_comp_atom.comp_id 
_chem_comp_atom.atom_id 
_chem_comp_atom.type_symbol 
_chem_comp_atom.pdbx_aromatic_flag 
_chem_comp_atom.pdbx_stereo_config 
_chem_comp_atom.pdbx_ordinal 
DA OP3    O N N 1   
DA P      P N N 2   
DA OP1    O N N 3   
DA OP2    O N N 4   
DA "O5'"  O N N 5   
DA "C5'"  C N N 6   
DA "C4'"  C N R 7   
DA "O4'"  O N N 8   
DA "C3'"  C N S 9   
DA "O3'"  O N N 10  
DA "C2'"  C N N 11  
DA "C1'"  C N R 12  
DA N9     N Y N 13  
DA C8     C Y N 14  
DA N7     N Y N 15  
DA C5     C Y N 16  
DA C6     C Y N 17  
DA N6     N N N 18  
DA N1     N Y N 19  
DA C2     C Y N 20  
DA N3     N Y N 21  
DA C4     C Y N 22  
DA HOP3   H N N 23  
DA HOP2   H N N 24  
DA "H5'"  H N N 25  
DA "H5''" H N N 26  
DA "H4'"  H N N 27  
DA "H3'"  H N N 28  
DA "HO3'" H N N 29  
DA "H2'"  H N N 30  
DA "H2''" H N N 31  
DA "H1'"  H N N 32  
DA H8     H N N 33  
DA H61    H N N 34  
DA H62    H N N 35  
DA H2     H N N 36  
DC OP3    O N N 37  
DC P      P N N 38  
DC OP1    O N N 39  
DC OP2    O N N 40  
DC "O5'"  O N N 41  
DC "C5'"  C N N 42  
DC "C4'"  C N R 43  
DC "O4'"  O N N 44  
DC "C3'"  C N S 45  
DC "O3'"  O N N 46  
DC "C2'"  C N N 47  
DC "C1'"  C N R 48  
DC N1     N N N 49  
DC C2     C N N 50  
DC O2     O N N 51  
DC N3     N N N 52  
DC C4     C N N 53  
DC N4     N N N 54  
DC C5     C N N 55  
DC C6     C N N 56  
DC HOP3   H N N 57  
DC HOP2   H N N 58  
DC "H5'"  H N N 59  
DC "H5''" H N N 60  
DC "H4'"  H N N 61  
DC "H3'"  H N N 62  
DC "HO3'" H N N 63  
DC "H2'"  H N N 64  
DC "H2''" H N N 65  
DC "H1'"  H N N 66  
DC H41    H N N 67  
DC H42    H N N 68  
DC H5     H N N 69  
DC H6     H N N 70  
DT OP3    O N N 71  
DT P      P N N 72  
DT OP1    O N N 73  
DT OP2    O N N 74  
DT "O5'"  O N N 75  
DT "C5'"  C N N 76  
DT "C4'"  C N R 77  
DT "O4'"  O N N 78  
DT "C3'"  C N S 79  
DT "O3'"  O N N 80  
DT "C2'"  C N N 81  
DT "C1'"  C N R 82  
DT N1     N N N 83  
DT C2     C N N 84  
DT O2     O N N 85  
DT N3     N N N 86  
DT C4     C N N 87  
DT O4     O N N 88  
DT C5     C N N 89  
DT C7     C N N 90  
DT C6     C N N 91  
DT HOP3   H N N 92  
DT HOP2   H N N 93  
DT "H5'"  H N N 94  
DT "H5''" H N N 95  
DT "H4'"  H N N 96  
DT "H3'"  H N N 97  
DT "HO3'" H N N 98  
DT "H2'"  H N N 99  
DT "H2''" H N N 100 
DT "H1'"  H N N 101 
DT H3     H N N 102 
DT H71    H N N 103 
DT H72    H N N 104 
DT H73    H N N 105 
DT H6     H N N 106 
# 
loop_
_chem_comp_bond.comp_id 
_chem_comp_bond.atom_id_1 
_chem_comp_bond.atom_id_2 
_chem_comp_bond.value_order 
_chem_comp_bond.pdbx_aromatic_flag 
_chem_comp_bond.pdbx_stereo_config 
_chem_comp_bond.pdbx_ordinal 
DA OP3   P      sing N N 1   
DA OP3   HOP3   sing N N 2   
DA P     OP1    doub N N 3   
DA P     OP2    sing N N 4   
DA P     "O5'"  sing N N 5   
DA OP2   HOP2   sing N N 6   
DA "O5'" "C5'"  sing N N 7   
DA "C5'" "C4'"  sing N N 8   
DA "C5'" "H5'"  sing N N 9   
DA "C5'" "H5''" sing N N 10  
DA "C4'" "O4'"  sing N N 11  
DA "C4'" "C3'"  sing N N 12  
DA "C4'" "H4'"  sing N N 13  
DA "O4'" "C1'"  sing N N 14  
DA "C3'" "O3'"  sing N N 15  
DA "C3'" "C2'"  sing N N 16  
DA "C3'" "H3'"  sing N N 17  
DA "O3'" "HO3'" sing N N 18  
DA "C2'" "C1'"  sing N N 19  
DA "C2'" "H2'"  sing N N 20  
DA "C2'" "H2''" sing N N 21  
DA "C1'" N9     sing N N 22  
DA "C1'" "H1'"  sing N N 23  
DA N9    C8     sing Y N 24  
DA N9    C4     sing Y N 25  
DA C8    N7     doub Y N 26  
DA C8    H8     sing N N 27  
DA N7    C5     sing Y N 28  
DA C5    C6     sing Y N 29  
DA C5    C4     doub Y N 30  
DA C6    N6     sing N N 31  
DA C6    N1     doub Y N 32  
DA N6    H61    sing N N 33  
DA N6    H62    sing N N 34  
DA N1    C2     sing Y N 35  
DA C2    N3     doub Y N 36  
DA C2    H2     sing N N 37  
DA N3    C4     sing Y N 38  
DC OP3   P      sing N N 39  
DC OP3   HOP3   sing N N 40  
DC P     OP1    doub N N 41  
DC P     OP2    sing N N 42  
DC P     "O5'"  sing N N 43  
DC OP2   HOP2   sing N N 44  
DC "O5'" "C5'"  sing N N 45  
DC "C5'" "C4'"  sing N N 46  
DC "C5'" "H5'"  sing N N 47  
DC "C5'" "H5''" sing N N 48  
DC "C4'" "O4'"  sing N N 49  
DC "C4'" "C3'"  sing N N 50  
DC "C4'" "H4'"  sing N N 51  
DC "O4'" "C1'"  sing N N 52  
DC "C3'" "O3'"  sing N N 53  
DC "C3'" "C2'"  sing N N 54  
DC "C3'" "H3'"  sing N N 55  
DC "O3'" "HO3'" sing N N 56  
DC "C2'" "C1'"  sing N N 57  
DC "C2'" "H2'"  sing N N 58  
DC "C2'" "H2''" sing N N 59  
DC "C1'" N1     sing N N 60  
DC "C1'" "H1'"  sing N N 61  
DC N1    C2     sing N N 62  
DC N1    C6     sing N N 63  
DC C2    O2     doub N N 64  
DC C2    N3     sing N N 65  
DC N3    C4     doub N N 66  
DC C4    N4     sing N N 67  
DC C4    C5     sing N N 68  
DC N4    H41    sing N N 69  
DC N4    H42    sing N N 70  
DC C5    C6     doub N N 71  
DC C5    H5     sing N N 72  
DC C6    H6     sing N N 73  
DT OP3   P      sing N N 74  
DT OP3   HOP3   sing N N 75  
DT P     OP1    doub N N 76  
DT P     OP2    sing N N 77  
DT P     "O5'"  sing N N 78  
DT OP2   HOP2   sing N N 79  
DT "O5'" "C5'"  sing N N 80  
DT "C5'" "C4'"  sing N N 81  
DT "C5'" "H5'"  sing N N 82  
DT "C5'" "H5''" sing N N 83  
DT "C4'" "O4'"  sing N N 84  
DT "C4'" "C3'"  sing N N 85  
DT "C4'" "H4'"  sing N N 86  
DT "O4'" "C1'"  sing N N 87  
DT "C3'" "O3'"  sing N N 88  
DT "C3'" "C2'"  sing N N 89  
DT "C3'" "H3'"  sing N N 90  
DT "O3'" "HO3'" sing N N 91  
DT "C2'" "C1'"  sing N N 92  
DT "C2'" "H2'"  sing N N 93  
DT "C2'" "H2''" sing N N 94  
DT "C1'" N1     sing N N 95  
DT "C1'" "H1'"  sing N N 96  
DT N1    C2     sing N N 97  
DT N1    C6     sing N N 98  
DT C2    O2     doub N N 99  
DT C2    N3     sing N N 100 
DT N3    C4     sing N N 101 
DT N3    H3     sing N N 102 
DT C4    O4     doub N N 103 
DT C4    C5     sing N N 104 
DT C5    C7     sing N N 105 
DT C5    C6     doub N N 106 
DT C7    H71    sing N N 107 
DT C7    H72    sing N N 108 
DT C7    H73    sing N N 109 
DT C6    H6     sing N N 110 
# 
_atom_sites.entry_id                    6TQI 
_atom_sites.Cartn_transf_matrix[1][1]   ? 
_atom_sites.Cartn_transf_matrix[1][2]   ? 
_atom_sites.Cartn_transf_matrix[1][3]   ? 
_atom_sites.Cartn_transf_matrix[2][1]   ? 
_atom_sites.Cartn_transf_matrix[2][2]   ? 
_atom_sites.Cartn_transf_matrix[2][3]   ? 
_atom_sites.Cartn_transf_matrix[3][1]   ? 
_atom_sites.Cartn_transf_matrix[3][2]   ? 
_atom_sites.Cartn_transf_matrix[3][3]   ? 
_atom_sites.Cartn_transf_vector[1]      ? 
_atom_sites.Cartn_transf_vector[2]      ? 
_atom_sites.Cartn_transf_vector[3]      ? 
_atom_sites.fract_transf_matrix[1][1]   -0.02181426 
_atom_sites.fract_transf_matrix[1][2]   0.02548136 
_atom_sites.fract_transf_matrix[1][3]   -0.01360547 
_atom_sites.fract_transf_matrix[2][1]   -0.03565492 
_atom_sites.fract_transf_matrix[2][2]   -0.00158690 
_atom_sites.fract_transf_matrix[2][3]   0.00604183 
_atom_sites.fract_transf_matrix[3][1]   0.00142461 
_atom_sites.fract_transf_matrix[3][2]   0.00663961 
_atom_sites.fract_transf_matrix[3][3]   0.01015103 
_atom_sites.fract_transf_vector[1]      0.079038 
_atom_sites.fract_transf_vector[2]      0.480699 
_atom_sites.fract_transf_vector[3]      0.146256 
_atom_sites.solution_primary            ? 
_atom_sites.solution_secondary          ? 
_atom_sites.solution_hydrogens          ? 
_atom_sites.special_details             ? 
# 
loop_
_atom_type.symbol 
C 
N 
O 
P 
# 
loop_
_atom_site.group_PDB 
_atom_site.id 
_atom_site.type_symbol 
_atom_site.label_atom_id 
_atom_site.label_alt_id 
_atom_site.label_comp_id 
_atom_site.label_asym_id 
_atom_site.label_entity_id 
_atom_site.label_seq_id 
_atom_site.pdbx_PDB_ins_code 
_atom_site.Cartn_x 
_atom_site.Cartn_y 
_atom_site.Cartn_z 
_atom_site.occupancy 
_atom_site.B_iso_or_equiv 
_atom_site.pdbx_formal_charge 
_atom_site.auth_seq_id 
_atom_site.auth_comp_id 
_atom_site.auth_asym_id 
_atom_site.auth_atom_id 
_atom_site.pdbx_PDB_model_num 
ATOM 1   O "O5'" . DT A 1 1 ? -13.493 4.724   12.907  1.00 55.44  ? 1 DT A "O5'" 1 
ATOM 2   C "C5'" . DT A 1 1 ? -12.900 6.043   13.028  1.00 54.05  ? 1 DT A "C5'" 1 
ATOM 3   C "C4'" . DT A 1 1 ? -13.020 6.803   11.726  1.00 47.87  ? 1 DT A "C4'" 1 
ATOM 4   O "O4'" . DT A 1 1 ? -13.210 8.213   12.014  1.00 46.00  ? 1 DT A "O4'" 1 
ATOM 5   C "C3'" . DT A 1 1 ? -11.775 6.742   10.844  1.00 48.46  ? 1 DT A "C3'" 1 
ATOM 6   O "O3'" . DT A 1 1 ? -12.129 6.840   9.454   1.00 54.33  ? 1 DT A "O3'" 1 
ATOM 7   C "C2'" . DT A 1 1 ? -11.032 7.992   11.243  1.00 47.10  ? 1 DT A "C2'" 1 
ATOM 8   C "C1'" . DT A 1 1 ? -12.177 8.951   11.379  1.00 43.09  ? 1 DT A "C1'" 1 
ATOM 9   N N1    . DT A 1 1 ? -11.887 10.150  12.189  1.00 37.55  ? 1 DT A N1    1 
ATOM 10  C C2    . DT A 1 1 ? -11.501 11.274  11.509  1.00 29.60  ? 1 DT A C2    1 
ATOM 11  O O2    . DT A 1 1 ? -11.409 11.312  10.298  1.00 31.02  ? 1 DT A O2    1 
ATOM 12  N N3    . DT A 1 1 ? -11.228 12.358  12.301  1.00 28.87  ? 1 DT A N3    1 
ATOM 13  C C4    . DT A 1 1 ? -11.284 12.417  13.681  1.00 31.27  ? 1 DT A C4    1 
ATOM 14  O O4    . DT A 1 1 ? -10.992 13.459  14.263  1.00 32.68  ? 1 DT A O4    1 
ATOM 15  C C5    . DT A 1 1 ? -11.705 11.204  14.333  1.00 32.48  ? 1 DT A C5    1 
ATOM 16  C C7    . DT A 1 1 ? -11.835 11.191  15.823  1.00 31.52  ? 1 DT A C7    1 
ATOM 17  C C6    . DT A 1 1 ? -11.963 10.136  13.566  1.00 33.93  ? 1 DT A C6    1 
ATOM 18  P P     . DA A 1 2 ? -11.035 6.506   8.304   1.00 55.16  ? 2 DA A P     1 
ATOM 19  O OP1   . DA A 1 2 ? -11.682 6.720   6.986   1.00 46.16  ? 2 DA A OP1   1 
ATOM 20  O OP2   . DA A 1 2 ? -10.406 5.177   8.631   1.00 59.33  ? 2 DA A OP2   1 
ATOM 21  O "O5'" . DA A 1 2 ? -9.926  7.621   8.522   1.00 56.76  ? 2 DA A "O5'" 1 
ATOM 22  C "C5'" . DA A 1 2 ? -9.510  8.478   7.458   1.00 65.54  ? 2 DA A "C5'" 1 
ATOM 23  C "C4'" . DA A 1 2 ? -8.035  8.740   7.594   1.00 68.05  ? 2 DA A "C4'" 1 
ATOM 24  O "O4'" . DA A 1 2 ? -7.720  8.872   9.011   1.00 74.01  ? 2 DA A "O4'" 1 
ATOM 25  C "C3'" . DA A 1 2 ? -7.167  7.592   7.106   1.00 70.25  ? 2 DA A "C3'" 1 
ATOM 26  O "O3'" . DA A 1 2 ? -5.877  8.123   6.784   1.00 79.10  ? 2 DA A "O3'" 1 
ATOM 27  C "C2'" . DA A 1 2 ? -7.074  6.726   8.339   1.00 68.29  ? 2 DA A "C2'" 1 
ATOM 28  C "C1'" . DA A 1 2 ? -6.851  7.799   9.379   1.00 72.83  ? 2 DA A "C1'" 1 
ATOM 29  N N9    . DA A 1 2 ? -7.114  7.435   10.783  1.00 76.52  ? 2 DA A N9    1 
ATOM 30  C C8    . DA A 1 2 ? -6.657  8.096   11.902  1.00 79.61  ? 2 DA A C8    1 
ATOM 31  N N7    . DA A 1 2 ? -6.918  7.472   13.028  1.00 73.71  ? 2 DA A N7    1 
ATOM 32  C C5    . DA A 1 2 ? -7.558  6.308   12.624  1.00 68.79  ? 2 DA A C5    1 
ATOM 33  C C6    . DA A 1 2 ? -8.095  5.228   13.343  1.00 67.50  ? 2 DA A C6    1 
ATOM 34  N N6    . DA A 1 2 ? -8.079  5.148   14.675  1.00 69.76  ? 2 DA A N6    1 
ATOM 35  N N1    . DA A 1 2 ? -8.672  4.227   12.639  1.00 63.55  ? 2 DA A N1    1 
ATOM 36  C C2    . DA A 1 2 ? -8.694  4.313   11.299  1.00 64.61  ? 2 DA A C2    1 
ATOM 37  N N3    . DA A 1 2 ? -8.216  5.276   10.508  1.00 63.20  ? 2 DA A N3    1 
ATOM 38  C C4    . DA A 1 2 ? -7.661  6.259   11.240  1.00 69.58  ? 2 DA A C4    1 
ATOM 39  P P     . DA A 1 3 ? -4.719  7.182   6.171   1.00 82.10  ? 3 DA A P     1 
ATOM 40  O OP1   . DA A 1 3 ? -5.363  5.992   5.563   1.00 75.80  ? 3 DA A OP1   1 
ATOM 41  O OP2   . DA A 1 3 ? -3.626  7.012   7.212   1.00 60.55  ? 3 DA A OP2   1 
ATOM 42  O "O5'" . DA A 1 3 ? -4.141  8.102   5.022   1.00 71.92  ? 3 DA A "O5'" 1 
ATOM 43  C "C5'" . DA A 1 3 ? -3.880  9.487   5.292   1.00 70.86  ? 3 DA A "C5'" 1 
ATOM 44  C "C4'" . DA A 1 3 ? -2.413  9.680   5.588   1.00 66.63  ? 3 DA A "C4'" 1 
ATOM 45  O "O4'" . DA A 1 3 ? -2.215  10.267  6.901   1.00 67.58  ? 3 DA A "O4'" 1 
ATOM 46  C "C3'" . DA A 1 3 ? -1.586  8.387   5.587   1.00 64.47  ? 3 DA A "C3'" 1 
ATOM 47  O "O3'" . DA A 1 3 ? -0.459  8.557   4.717   1.00 66.01  ? 3 DA A "O3'" 1 
ATOM 48  C "C2'" . DA A 1 3 ? -1.147  8.249   7.042   1.00 60.05  ? 3 DA A "C2'" 1 
ATOM 49  C "C1'" . DA A 1 3 ? -1.053  9.693   7.431   1.00 58.09  ? 3 DA A "C1'" 1 
ATOM 50  N N9    . DA A 1 3 ? -0.988  10.005  8.861   1.00 51.06  ? 3 DA A N9    1 
ATOM 51  C C8    . DA A 1 3 ? -0.230  10.994  9.451   1.00 49.12  ? 3 DA A C8    1 
ATOM 52  N N7    . DA A 1 3 ? -0.344  11.039  10.757  1.00 44.48  ? 3 DA A N7    1 
ATOM 53  C C5    . DA A 1 3 ? -1.228  10.011  11.051  1.00 42.95  ? 3 DA A C5    1 
ATOM 54  C C6    . DA A 1 3 ? -1.776  9.555   12.260  1.00 45.47  ? 3 DA A C6    1 
ATOM 55  N N6    . DA A 1 3 ? -1.485  10.084  13.448  1.00 47.77  ? 3 DA A N6    1 
ATOM 56  N N1    . DA A 1 3 ? -2.639  8.514   12.209  1.00 50.91  ? 3 DA A N1    1 
ATOM 57  C C2    . DA A 1 3 ? -2.933  7.982   11.009  1.00 51.38  ? 3 DA A C2    1 
ATOM 58  N N3    . DA A 1 3 ? -2.489  8.331   9.800   1.00 46.48  ? 3 DA A N3    1 
ATOM 59  C C4    . DA A 1 3 ? -1.626  9.359   9.892   1.00 45.22  ? 3 DA A C4    1 
ATOM 60  P P     . DC A 1 4 ? -0.667  8.731   3.116   1.00 62.24  ? 4 DC A P     1 
ATOM 61  O OP1   . DC A 1 4 ? -0.212  10.094  2.742   1.00 52.00  ? 4 DC A OP1   1 
ATOM 62  O OP2   . DC A 1 4 ? -2.027  8.283   2.766   1.00 58.99  ? 4 DC A OP2   1 
ATOM 63  O "O5'" . DC A 1 4 ? 0.329   7.648   2.519   1.00 54.24  ? 4 DC A "O5'" 1 
ATOM 64  C "C5'" . DC A 1 4 ? 1.742   7.821   2.656   1.00 48.11  ? 4 DC A "C5'" 1 
ATOM 65  C "C4'" . DC A 1 4 ? 2.413   6.505   2.964   1.00 40.77  ? 4 DC A "C4'" 1 
ATOM 66  O "O4'" . DC A 1 4 ? 1.767   5.868   4.081   1.00 35.76  ? 4 DC A "O4'" 1 
ATOM 67  C "C3'" . DC A 1 4 ? 2.387   5.472   1.830   1.00 39.83  ? 4 DC A "C3'" 1 
ATOM 68  O "O3'" . DC A 1 4 ? 3.688   4.983   1.603   1.00 44.29  ? 4 DC A "O3'" 1 
ATOM 69  C "C2'" . DC A 1 4 ? 1.591   4.325   2.409   1.00 39.48  ? 4 DC A "C2'" 1 
ATOM 70  C "C1'" . DC A 1 4 ? 1.844   4.499   3.870   1.00 33.38  ? 4 DC A "C1'" 1 
ATOM 71  N N1    . DC A 1 4 ? 0.875   3.855   4.723   1.00 29.63  ? 4 DC A N1    1 
ATOM 72  C C2    . DC A 1 4 ? 1.269   2.724   5.420   1.00 31.00  ? 4 DC A C2    1 
ATOM 73  O O2    . DC A 1 4 ? 2.445   2.356   5.337   1.00 33.39  ? 4 DC A O2    1 
ATOM 74  N N3    . DC A 1 4 ? 0.370   2.070   6.188   1.00 31.39  ? 4 DC A N3    1 
ATOM 75  C C4    . DC A 1 4 ? -0.888  2.495   6.243   1.00 27.78  ? 4 DC A C4    1 
ATOM 76  N N4    . DC A 1 4 ? -1.744  1.808   6.994   1.00 28.06  ? 4 DC A N4    1 
ATOM 77  C C5    . DC A 1 4 ? -1.320  3.655   5.543   1.00 28.19  ? 4 DC A C5    1 
ATOM 78  C C6    . DC A 1 4 ? -0.421  4.283   4.778   1.00 28.01  ? 4 DC A C6    1 
ATOM 79  P P     . DC A 1 5 ? 4.499   5.480   0.394   1.00 47.04  ? 5 DC A P     1 
ATOM 80  O OP1   . DC A 1 5 ? 5.748   6.102   0.915   1.00 46.28  ? 5 DC A OP1   1 
ATOM 81  O OP2   . DC A 1 5 ? 3.591   6.222   -0.502  1.00 46.23  ? 5 DC A OP2   1 
ATOM 82  O "O5'" . DC A 1 5 ? 4.810   4.153   -0.395  1.00 44.88  ? 5 DC A "O5'" 1 
ATOM 83  C "C5'" . DC A 1 5 ? 3.765   3.442   -1.053  1.00 42.13  ? 5 DC A "C5'" 1 
ATOM 84  C "C4'" . DC A 1 5 ? 4.159   1.995   -1.142  1.00 40.47  ? 5 DC A "C4'" 1 
ATOM 85  O "O4'" . DC A 1 5 ? 3.593   1.305   -0.024  1.00 40.62  ? 5 DC A "O4'" 1 
ATOM 86  C "C3'" . DC A 1 5 ? 3.696   1.258   -2.393  1.00 38.61  ? 5 DC A "C3'" 1 
ATOM 87  O "O3'" . DC A 1 5 ? 4.788   1.217   -3.326  1.00 35.21  ? 5 DC A "O3'" 1 
ATOM 88  C "C2'" . DC A 1 5 ? 3.407   -0.141  -1.898  1.00 42.23  ? 5 DC A "C2'" 1 
ATOM 89  C "C1'" . DC A 1 5 ? 3.092   0.043   -0.409  1.00 40.30  ? 5 DC A "C1'" 1 
ATOM 90  N N1    . DC A 1 5 ? 1.676   0.024   -0.102  1.00 34.06  ? 5 DC A N1    1 
ATOM 91  C C2    . DC A 1 5 ? 1.175   -0.990  0.715   1.00 31.93  ? 5 DC A C2    1 
ATOM 92  O O2    . DC A 1 5 ? 1.963   -1.832  1.176   1.00 27.91  ? 5 DC A O2    1 
ATOM 93  N N3    . DC A 1 5 ? -0.145  -1.026  0.989   1.00 31.84  ? 5 DC A N3    1 
ATOM 94  C C4    . DC A 1 5 ? -0.955  -0.095  0.485   1.00 36.68  ? 5 DC A C4    1 
ATOM 95  N N4    . DC A 1 5 ? -2.257  -0.170  0.781   1.00 43.71  ? 5 DC A N4    1 
ATOM 96  C C5    . DC A 1 5 ? -0.469  0.952   -0.349  1.00 35.99  ? 5 DC A C5    1 
ATOM 97  C C6    . DC A 1 5 ? 0.839   0.966   -0.624  1.00 35.04  ? 5 DC A C6    1 
ATOM 98  P P     . DC A 1 6 ? 4.517   1.004   -4.891  1.00 38.53  ? 6 DC A P     1 
ATOM 99  O OP1   . DC A 1 6 ? 5.680   1.507   -5.621  1.00 36.18  ? 6 DC A OP1   1 
ATOM 100 O OP2   . DC A 1 6 ? 3.164   1.489   -5.211  1.00 37.40  ? 6 DC A OP2   1 
ATOM 101 O "O5'" . DC A 1 6 ? 4.469   -0.568  -5.047  1.00 38.40  ? 6 DC A "O5'" 1 
ATOM 102 C "C5'" . DC A 1 6 ? 5.591   -1.363  -4.705  1.00 36.87  ? 6 DC A "C5'" 1 
ATOM 103 C "C4'" . DC A 1 6 ? 5.214   -2.816  -4.807  1.00 35.76  ? 6 DC A "C4'" 1 
ATOM 104 O "O4'" . DC A 1 6 ? 3.963   -3.024  -4.141  1.00 35.49  ? 6 DC A "O4'" 1 
ATOM 105 C "C3'" . DC A 1 6 ? 4.980   -3.316  -6.216  1.00 33.86  ? 6 DC A "C3'" 1 
ATOM 106 O "O3'" . DC A 1 6 ? 6.195   -3.773  -6.794  1.00 35.97  ? 6 DC A "O3'" 1 
ATOM 107 C "C2'" . DC A 1 6 ? 4.007   -4.465  -6.012  1.00 33.93  ? 6 DC A "C2'" 1 
ATOM 108 C "C1'" . DC A 1 6 ? 3.390   -4.210  -4.631  1.00 32.74  ? 6 DC A "C1'" 1 
ATOM 109 N N1    . DC A 1 6 ? 1.959   -4.025  -4.664  1.00 30.81  ? 6 DC A N1    1 
ATOM 110 C C2    . DC A 1 6 ? 1.143   -4.983  -4.068  1.00 33.70  ? 6 DC A C2    1 
ATOM 111 O O2    . DC A 1 6 ? 1.673   -5.947  -3.496  1.00 35.93  ? 6 DC A O2    1 
ATOM 112 N N3    . DC A 1 6 ? -0.200  -4.824  -4.107  1.00 33.47  ? 6 DC A N3    1 
ATOM 113 C C4    . DC A 1 6 ? -0.728  -3.769  -4.726  1.00 31.71  ? 6 DC A C4    1 
ATOM 114 N N4    . DC A 1 6 ? -2.056  -3.647  -4.735  1.00 32.00  ? 6 DC A N4    1 
ATOM 115 C C5    . DC A 1 6 ? 0.084   -2.781  -5.350  1.00 32.77  ? 6 DC A C5    1 
ATOM 116 C C6    . DC A 1 6 ? 1.410   -2.947  -5.295  1.00 29.98  ? 6 DC A C6    1 
ATOM 117 P P     . DT A 1 7 ? 6.571   -3.400  -8.320  1.00 41.16  ? 7 DT A P     1 
ATOM 118 O OP1   . DT A 1 7 ? 7.877   -4.048  -8.622  1.00 35.71  ? 7 DT A OP1   1 
ATOM 119 O OP2   . DT A 1 7 ? 6.420   -1.934  -8.494  1.00 36.17  ? 7 DT A OP2   1 
ATOM 120 O "O5'" . DT A 1 7 ? 5.415   -4.106  -9.164  1.00 34.74  ? 7 DT A "O5'" 1 
ATOM 121 C "C5'" . DT A 1 7 ? 5.287   -5.533  -9.142  1.00 35.08  ? 7 DT A "C5'" 1 
ATOM 122 C "C4'" . DT A 1 7 ? 4.531   -6.012  -10.359 1.00 36.41  ? 7 DT A "C4'" 1 
ATOM 123 O "O4'" . DT A 1 7 ? 3.122   -5.716  -10.203 1.00 37.95  ? 7 DT A "O4'" 1 
ATOM 124 C "C3'" . DT A 1 7 ? 4.934   -5.350  -11.662 1.00 36.33  ? 7 DT A "C3'" 1 
ATOM 125 O "O3'" . DT A 1 7 ? 4.673   -6.255  -12.742 1.00 39.18  ? 7 DT A "O3'" 1 
ATOM 126 C "C2'" . DT A 1 7 ? 4.024   -4.143  -11.712 1.00 34.77  ? 7 DT A "C2'" 1 
ATOM 127 C "C1'" . DT A 1 7 ? 2.732   -4.680  -11.102 1.00 34.87  ? 7 DT A "C1'" 1 
ATOM 128 N N1    . DT A 1 7 ? 1.973   -3.690  -10.334 1.00 33.59  ? 7 DT A N1    1 
ATOM 129 C C2    . DT A 1 7 ? 0.592   -3.739  -10.331 1.00 34.26  ? 7 DT A C2    1 
ATOM 130 O O2    . DT A 1 7 ? -0.051  -4.561  -10.966 1.00 36.65  ? 7 DT A O2    1 
ATOM 131 N N3    . DT A 1 7 ? -0.009  -2.796  -9.539  1.00 35.45  ? 7 DT A N3    1 
ATOM 132 C C4    . DT A 1 7 ? 0.618   -1.827  -8.772  1.00 36.36  ? 7 DT A C4    1 
ATOM 133 O O4    . DT A 1 7 ? -0.053  -1.040  -8.110  1.00 38.09  ? 7 DT A O4    1 
ATOM 134 C C5    . DT A 1 7 ? 2.060   -1.836  -8.828  1.00 37.70  ? 7 DT A C5    1 
ATOM 135 C C7    . DT A 1 7 ? 2.821   -0.834  -8.020  1.00 42.89  ? 7 DT A C7    1 
ATOM 136 C C6    . DT A 1 7 ? 2.657   -2.766  -9.581  1.00 35.80  ? 7 DT A C6    1 
ATOM 137 P P     . DA A 1 8 ? 5.857   -6.681  -13.763 1.00 47.73  ? 8 DA A P     1 
ATOM 138 O OP1   . DA A 1 8 ? 6.576   -5.438  -14.193 1.00 41.20  ? 8 DA A OP1   1 
ATOM 139 O OP2   . DA A 1 8 ? 5.271   -7.587  -14.782 1.00 42.84  ? 8 DA A OP2   1 
ATOM 140 O "O5'" . DA A 1 8 ? 6.875   -7.499  -12.841 1.00 46.53  ? 8 DA A "O5'" 1 
ATOM 141 C "C5'" . DA A 1 8 ? 6.500   -8.725  -12.215 1.00 49.91  ? 8 DA A "C5'" 1 
ATOM 142 C "C4'" . DA A 1 8 ? 7.497   -9.061  -11.135 1.00 57.98  ? 8 DA A "C4'" 1 
ATOM 143 O "O4'" . DA A 1 8 ? 7.169   -8.341  -9.938  1.00 58.33  ? 8 DA A "O4'" 1 
ATOM 144 C "C3'" . DA A 1 8 ? 7.540   -10.537 -10.754 1.00 67.45  ? 8 DA A "C3'" 1 
ATOM 145 O "O3'" . DA A 1 8 ? 8.836   -11.071 -10.988 1.00 98.01  ? 8 DA A "O3'" 1 
ATOM 146 C "C2'" . DA A 1 8 ? 7.191   -10.573 -9.276  1.00 60.43  ? 8 DA A "C2'" 1 
ATOM 147 C "C1'" . DA A 1 8 ? 7.355   -9.161  -8.806  1.00 50.39  ? 8 DA A "C1'" 1 
ATOM 148 N N9    . DA A 1 8 ? 6.344   -8.796  -7.834  1.00 38.57  ? 8 DA A N9    1 
ATOM 149 C C8    . DA A 1 8 ? 6.478   -8.063  -6.683  1.00 35.37  ? 8 DA A C8    1 
ATOM 150 N N7    . DA A 1 8 ? 5.350   -7.878  -6.043  1.00 34.09  ? 8 DA A N7    1 
ATOM 151 C C5    . DA A 1 8 ? 4.413   -8.543  -6.820  1.00 31.31  ? 8 DA A C5    1 
ATOM 152 C C6    . DA A 1 8 ? 3.024   -8.717  -6.685  1.00 32.17  ? 8 DA A C6    1 
ATOM 153 N N6    . DA A 1 8 ? 2.314   -8.231  -5.665  1.00 33.72  ? 8 DA A N6    1 
ATOM 154 N N1    . DA A 1 8 ? 2.380   -9.408  -7.652  1.00 29.94  ? 8 DA A N1    1 
ATOM 155 C C2    . DA A 1 8 ? 3.097   -9.909  -8.666  1.00 32.45  ? 8 DA A C2    1 
ATOM 156 N N3    . DA A 1 8 ? 4.410   -9.811  -8.901  1.00 30.80  ? 8 DA A N3    1 
ATOM 157 C C4    . DA A 1 8 ? 5.012   -9.105  -7.930  1.00 31.29  ? 8 DA A C4    1 
ATOM 158 P P     . DA A 1 9 ? 9.005   -12.290 -11.974 1.00 118.21 ? 9 DA A P     1 
ATOM 159 O OP1   . DA A 1 9 ? 10.183  -11.997 -12.852 1.00 106.83 ? 9 DA A OP1   1 
ATOM 160 O OP2   . DA A 1 9 ? 7.676   -12.563 -12.593 1.00 92.49  ? 9 DA A OP2   1 
ATOM 161 O "O5'" . DA A 1 9 ? 9.332   -13.508 -10.985 1.00 121.65 ? 9 DA A "O5'" 1 
ATOM 162 C "C5'" . DA A 1 9 ? 8.639   -13.672 -9.702  1.00 121.80 ? 9 DA A "C5'" 1 
ATOM 163 C "C4'" . DA A 1 9 ? 7.509   -14.673 -9.830  1.00 113.87 ? 9 DA A "C4'" 1 
ATOM 164 O "O4'" . DA A 1 9 ? 7.332   -15.399 -8.590  1.00 118.15 ? 9 DA A "O4'" 1 
ATOM 165 C "C3'" . DA A 1 9 ? 6.151   -14.062 -10.123 1.00 103.90 ? 9 DA A "C3'" 1 
ATOM 166 O "O3'" . DA A 1 9 ? 6.012   -13.815 -11.524 1.00 85.36  ? 9 DA A "O3'" 1 
ATOM 167 C "C2'" . DA A 1 9 ? 5.178   -15.109 -9.599  1.00 103.00 ? 9 DA A "C2'" 1 
ATOM 168 C "C1'" . DA A 1 9 ? 5.961   -15.811 -8.466  1.00 103.73 ? 9 DA A "C1'" 1 
ATOM 169 N N9    . DA A 1 9 ? 5.509   -15.478 -7.109  0.50 93.33  ? 9 DA A N9    1 
ATOM 170 C C8    . DA A 1 9 ? 6.263   -14.954 -6.085  0.50 90.20  ? 9 DA A C8    1 
ATOM 171 N N7    . DA A 1 9 ? 5.588   -14.760 -4.977  0.50 83.38  ? 9 DA A N7    1 
ATOM 172 C C5    . DA A 1 9 ? 4.303   -15.187 -5.289  0.50 75.04  ? 9 DA A C5    1 
ATOM 173 C C6    . DA A 1 9 ? 3.113   -15.238 -4.539  0.50 67.11  ? 9 DA A C6    1 
ATOM 174 N N6    . DA A 1 9 ? 3.022   -14.842 -3.266  0.50 63.03  ? 9 DA A N6    1 
ATOM 175 N N1    . DA A 1 9 ? 2.006   -15.713 -5.148  0.50 62.77  ? 9 DA A N1    1 
ATOM 176 C C2    . DA A 1 9 ? 2.097   -16.111 -6.424  0.50 64.95  ? 9 DA A C2    1 
ATOM 177 N N3    . DA A 1 9 ? 3.156   -16.110 -7.234  0.50 71.18  ? 9 DA A N3    1 
ATOM 178 C C4    . DA A 1 9 ? 4.240   -15.632 -6.598  0.50 79.55  ? 9 DA A C4    1 
# 
